data_6JKH
#
_entry.id   6JKH
#
_cell.length_a   50.027
_cell.length_b   77.366
_cell.length_c   53.993
_cell.angle_alpha   90.00
_cell.angle_beta   96.80
_cell.angle_gamma   90.00
#
_symmetry.space_group_name_H-M   'P 1 21 1'
#
loop_
_entity.id
_entity.type
_entity.pdbx_description
1 polymer 'Sterol-4-alpha-carboxylate 3-dehydrogenase, decarboxylating'
2 non-polymer NICOTINAMIDE-ADENINE-DINUCLEOTIDE
3 water water
#
_entity_poly.entity_id   1
_entity_poly.type   'polypeptide(L)'
_entity_poly.pdbx_seq_one_letter_code
;KVNQNQAKRCTVIGGSGFLGQHMVEQLLARGYAVNVFDIQQGFDNPQVRFFLGDLCSRQDLYPALKGVNTVFHCASPPPS
SNNKELFYRVNYIGTKNVIETCKEAGVQKLILTSSASVIFEGVDIKNGTEDLPYAMKPIDYYTETKILQERAVLGANDPE
KNFLTTAIRPHGIFGPRDPQLVPILIEAARNGKMKFVIGNGKNLVDFTFVENVVHGHILAAEQLSRDSTLGGKAFHILEH
HHHHH
;
_entity_poly.pdbx_strand_id   A,B
#
# COMPACT_ATOMS: atom_id res chain seq x y z
N GLN A 6 0.64 -23.39 22.61
CA GLN A 6 -0.61 -23.31 21.74
C GLN A 6 -0.92 -21.84 21.38
N ALA A 7 -0.52 -20.91 22.26
CA ALA A 7 -0.48 -19.46 21.95
C ALA A 7 0.64 -19.20 20.95
N LYS A 8 1.68 -20.05 20.93
CA LYS A 8 2.83 -19.94 20.00
C LYS A 8 2.87 -21.13 19.04
N ARG A 9 1.70 -21.67 18.66
CA ARG A 9 1.56 -22.87 17.80
C ARG A 9 0.68 -22.52 16.60
N CYS A 10 1.15 -22.77 15.40
CA CYS A 10 0.41 -22.46 14.16
C CYS A 10 0.65 -23.57 13.14
N THR A 11 -0.28 -23.75 12.21
CA THR A 11 -0.04 -24.62 11.05
C THR A 11 0.16 -23.72 9.83
N VAL A 12 1.10 -24.07 8.96
CA VAL A 12 1.20 -23.44 7.62
C VAL A 12 0.78 -24.43 6.55
N ILE A 13 -0.42 -24.20 6.02
CA ILE A 13 -0.95 -24.84 4.79
C ILE A 13 -0.15 -24.37 3.57
N GLY A 14 0.41 -25.33 2.85
CA GLY A 14 1.31 -25.05 1.72
C GLY A 14 2.70 -24.71 2.20
N GLY A 15 3.09 -25.21 3.39
CA GLY A 15 4.38 -24.90 4.05
C GLY A 15 5.63 -25.38 3.31
N SER A 16 5.48 -26.23 2.27
CA SER A 16 6.62 -26.77 1.47
C SER A 16 6.96 -25.82 0.32
N GLY A 17 6.00 -24.96 -0.05
CA GLY A 17 6.10 -24.12 -1.26
C GLY A 17 7.05 -22.98 -1.03
N PHE A 18 7.25 -22.17 -2.06
CA PHE A 18 8.20 -21.03 -2.03
C PHE A 18 7.85 -20.06 -0.88
N LEU A 19 6.62 -19.54 -0.84
CA LEU A 19 6.18 -18.64 0.25
C LEU A 19 6.17 -19.42 1.56
N GLY A 20 5.63 -20.66 1.56
CA GLY A 20 5.46 -21.47 2.77
C GLY A 20 6.78 -21.66 3.51
N GLN A 21 7.80 -22.14 2.80
CA GLN A 21 9.14 -22.37 3.37
C GLN A 21 9.57 -21.10 4.11
N HIS A 22 9.45 -19.95 3.45
CA HIS A 22 9.87 -18.64 4.00
C HIS A 22 9.11 -18.38 5.30
N MET A 23 7.81 -18.65 5.32
CA MET A 23 6.90 -18.44 6.46
C MET A 23 7.44 -19.24 7.62
N VAL A 24 7.79 -20.49 7.33
CA VAL A 24 8.33 -21.48 8.32
C VAL A 24 9.58 -20.88 8.95
N GLU A 25 10.55 -20.46 8.14
CA GLU A 25 11.80 -19.80 8.60
C GLU A 25 11.44 -18.77 9.68
N GLN A 26 10.66 -17.74 9.35
CA GLN A 26 10.40 -16.59 10.27
C GLN A 26 9.55 -17.03 11.46
N LEU A 27 8.60 -17.94 11.30
CA LEU A 27 7.76 -18.38 12.43
C LEU A 27 8.65 -19.10 13.44
N LEU A 28 9.55 -19.96 12.98
CA LEU A 28 10.50 -20.72 13.83
C LEU A 28 11.40 -19.70 14.55
N ALA A 29 11.92 -18.74 13.80
CA ALA A 29 12.82 -17.69 14.32
C ALA A 29 12.09 -16.85 15.39
N ARG A 30 10.76 -16.78 15.38
CA ARG A 30 10.00 -15.95 16.35
C ARG A 30 9.54 -16.80 17.55
N GLY A 31 10.09 -18.01 17.69
CA GLY A 31 9.75 -18.94 18.79
C GLY A 31 8.36 -19.57 18.63
N TYR A 32 7.85 -19.68 17.41
CA TYR A 32 6.61 -20.43 17.14
C TYR A 32 6.95 -21.91 17.01
N ALA A 33 6.11 -22.77 17.59
CA ALA A 33 5.96 -24.19 17.24
C ALA A 33 5.15 -24.25 15.94
N VAL A 34 5.74 -24.78 14.87
CA VAL A 34 5.14 -24.80 13.50
C VAL A 34 4.80 -26.23 13.10
N ASN A 35 3.54 -26.50 12.79
CA ASN A 35 3.16 -27.64 11.92
C ASN A 35 3.18 -27.16 10.47
N VAL A 36 3.44 -28.08 9.56
CA VAL A 36 3.40 -27.81 8.11
C VAL A 36 2.45 -28.80 7.48
N PHE A 37 1.44 -28.32 6.79
CA PHE A 37 0.51 -29.15 5.99
C PHE A 37 0.74 -28.81 4.52
N ASP A 38 1.00 -29.85 3.71
CA ASP A 38 1.27 -29.73 2.26
C ASP A 38 1.02 -31.10 1.60
N ILE A 39 0.66 -31.10 0.32
CA ILE A 39 0.43 -32.36 -0.46
C ILE A 39 1.74 -32.86 -1.08
N GLN A 40 2.87 -32.22 -0.77
CA GLN A 40 4.22 -32.60 -1.23
C GLN A 40 5.18 -32.46 -0.04
N GLN A 41 5.98 -33.50 0.26
CA GLN A 41 7.02 -33.44 1.31
C GLN A 41 8.18 -32.61 0.75
N GLY A 42 8.62 -31.61 1.51
CA GLY A 42 9.69 -30.67 1.09
C GLY A 42 11.03 -31.04 1.69
N PHE A 43 12.04 -30.17 1.48
CA PHE A 43 13.37 -30.28 2.13
C PHE A 43 13.13 -30.50 3.63
N ASP A 44 13.39 -31.71 4.13
CA ASP A 44 13.12 -32.08 5.54
C ASP A 44 13.68 -30.99 6.45
N ASN A 45 12.82 -30.44 7.31
CA ASN A 45 13.21 -29.56 8.43
C ASN A 45 12.93 -30.35 9.70
N PRO A 46 13.95 -30.66 10.53
CA PRO A 46 13.73 -31.45 11.75
C PRO A 46 12.73 -30.78 12.71
N GLN A 47 12.70 -29.44 12.79
CA GLN A 47 12.03 -28.66 13.86
C GLN A 47 10.55 -28.40 13.53
N VAL A 48 9.94 -29.22 12.68
CA VAL A 48 8.59 -28.98 12.11
C VAL A 48 7.86 -30.31 12.13
N ARG A 49 6.69 -30.38 12.75
CA ARG A 49 5.78 -31.53 12.53
C ARG A 49 5.18 -31.37 11.15
N PHE A 50 5.64 -32.20 10.23
CA PHE A 50 5.18 -32.22 8.83
C PHE A 50 4.04 -33.22 8.73
N PHE A 51 2.91 -32.76 8.19
CA PHE A 51 1.72 -33.53 7.78
C PHE A 51 1.60 -33.42 6.27
N LEU A 52 1.24 -34.52 5.64
CA LEU A 52 1.12 -34.66 4.17
C LEU A 52 -0.36 -34.85 3.90
N GLY A 53 -0.96 -34.14 2.96
CA GLY A 53 -2.39 -34.35 2.70
C GLY A 53 -2.99 -33.30 1.79
N ASP A 54 -4.19 -33.63 1.29
CA ASP A 54 -5.03 -32.78 0.41
C ASP A 54 -5.84 -31.83 1.29
N LEU A 55 -5.68 -30.52 1.11
CA LEU A 55 -6.39 -29.49 1.92
C LEU A 55 -7.88 -29.55 1.64
N CYS A 56 -8.30 -30.26 0.60
CA CYS A 56 -9.71 -30.54 0.28
C CYS A 56 -10.25 -31.60 1.25
N SER A 57 -9.37 -32.43 1.84
CA SER A 57 -9.73 -33.53 2.77
C SER A 57 -9.89 -33.06 4.23
N ARG A 58 -11.06 -33.26 4.83
CA ARG A 58 -11.27 -33.09 6.29
C ARG A 58 -10.39 -34.11 7.05
N GLN A 59 -10.34 -35.36 6.59
CA GLN A 59 -9.62 -36.46 7.30
C GLN A 59 -8.14 -36.11 7.38
N ASP A 60 -7.58 -35.53 6.30
CA ASP A 60 -6.14 -35.17 6.18
C ASP A 60 -5.85 -33.96 7.08
N LEU A 61 -6.62 -32.90 6.89
CA LEU A 61 -6.40 -31.58 7.50
C LEU A 61 -6.48 -31.67 9.02
N TYR A 62 -7.51 -32.33 9.55
CA TYR A 62 -7.97 -32.12 10.95
C TYR A 62 -6.86 -32.33 11.96
N PRO A 63 -6.03 -33.40 11.90
CA PRO A 63 -4.98 -33.62 12.90
C PRO A 63 -3.86 -32.57 12.89
N ALA A 64 -3.60 -31.96 11.74
CA ALA A 64 -2.57 -30.92 11.59
C ALA A 64 -3.05 -29.64 12.25
N LEU A 65 -4.36 -29.50 12.46
CA LEU A 65 -4.95 -28.27 13.04
C LEU A 65 -5.15 -28.39 14.55
N LYS A 66 -5.32 -29.60 15.09
CA LYS A 66 -5.48 -29.80 16.56
C LYS A 66 -4.31 -29.16 17.31
N GLY A 67 -4.63 -28.31 18.29
CA GLY A 67 -3.67 -27.68 19.23
C GLY A 67 -3.12 -26.35 18.73
N VAL A 68 -3.54 -25.91 17.54
CA VAL A 68 -2.98 -24.74 16.79
C VAL A 68 -3.93 -23.53 16.88
N ASN A 69 -3.37 -22.33 17.02
CA ASN A 69 -4.17 -21.10 17.23
C ASN A 69 -4.24 -20.24 15.97
N THR A 70 -3.26 -20.36 15.10
CA THR A 70 -3.21 -19.60 13.83
C THR A 70 -2.98 -20.56 12.69
N VAL A 71 -3.80 -20.45 11.68
CA VAL A 71 -3.50 -21.18 10.43
C VAL A 71 -3.12 -20.16 9.41
N PHE A 72 -2.11 -20.52 8.64
CA PHE A 72 -1.60 -19.74 7.51
C PHE A 72 -1.94 -20.50 6.26
N HIS A 73 -2.85 -19.98 5.46
CA HIS A 73 -3.17 -20.63 4.17
C HIS A 73 -2.46 -19.92 3.03
N CYS A 74 -1.34 -20.49 2.58
CA CYS A 74 -0.65 -20.05 1.33
C CYS A 74 -0.38 -21.24 0.41
N ALA A 75 -1.37 -22.13 0.28
CA ALA A 75 -1.37 -23.27 -0.63
C ALA A 75 -2.20 -22.88 -1.83
N SER A 76 -1.84 -23.40 -2.99
CA SER A 76 -2.46 -23.08 -4.30
C SER A 76 -1.88 -24.00 -5.37
N PRO A 77 -2.65 -24.27 -6.44
CA PRO A 77 -2.09 -24.79 -7.67
C PRO A 77 -1.35 -23.67 -8.39
N PRO A 78 -0.47 -23.97 -9.35
CA PRO A 78 0.31 -22.92 -9.99
C PRO A 78 -0.57 -22.15 -10.97
N PRO A 79 -0.53 -20.80 -10.97
CA PRO A 79 -1.33 -20.03 -11.91
C PRO A 79 -1.01 -20.42 -13.37
N SER A 80 0.23 -20.81 -13.62
CA SER A 80 0.77 -21.11 -14.97
C SER A 80 0.18 -22.41 -15.53
N SER A 81 -0.29 -23.33 -14.69
CA SER A 81 -0.75 -24.68 -15.11
C SER A 81 -1.96 -24.56 -16.06
N ASN A 82 -2.80 -23.53 -15.91
CA ASN A 82 -4.06 -23.36 -16.68
C ASN A 82 -4.94 -24.59 -16.49
N ASN A 83 -4.90 -25.19 -15.29
CA ASN A 83 -5.77 -26.33 -14.92
C ASN A 83 -7.00 -25.81 -14.16
N LYS A 84 -8.04 -25.36 -14.89
CA LYS A 84 -9.21 -24.66 -14.31
C LYS A 84 -9.89 -25.52 -13.25
N GLU A 85 -10.13 -26.80 -13.53
CA GLU A 85 -10.91 -27.66 -12.62
C GLU A 85 -10.14 -27.75 -11.31
N LEU A 86 -8.82 -27.73 -11.40
CA LEU A 86 -7.95 -27.73 -10.20
C LEU A 86 -8.17 -26.43 -9.42
N PHE A 87 -7.94 -25.27 -10.04
CA PHE A 87 -8.18 -23.94 -9.40
C PHE A 87 -9.56 -23.96 -8.75
N TYR A 88 -10.60 -24.37 -9.47
CA TYR A 88 -11.99 -24.47 -8.97
C TYR A 88 -12.02 -25.37 -7.72
N ARG A 89 -11.32 -26.50 -7.78
CA ARG A 89 -11.41 -27.57 -6.75
C ARG A 89 -10.73 -27.10 -5.46
N VAL A 90 -9.57 -26.48 -5.58
CA VAL A 90 -8.64 -26.26 -4.45
C VAL A 90 -8.86 -24.85 -3.91
N ASN A 91 -8.82 -23.84 -4.77
CA ASN A 91 -8.94 -22.40 -4.37
C ASN A 91 -10.37 -22.16 -3.87
N TYR A 92 -11.38 -22.67 -4.58
CA TYR A 92 -12.80 -22.29 -4.38
C TYR A 92 -13.45 -23.32 -3.46
N ILE A 93 -13.69 -24.55 -3.92
CA ILE A 93 -14.37 -25.62 -3.12
C ILE A 93 -13.54 -25.97 -1.86
N GLY A 94 -12.22 -26.13 -2.02
CA GLY A 94 -11.36 -26.71 -0.99
C GLY A 94 -11.28 -25.77 0.18
N THR A 95 -11.64 -24.51 -0.06
CA THR A 95 -11.46 -23.41 0.91
C THR A 95 -12.51 -23.56 2.01
N LYS A 96 -13.71 -24.04 1.66
CA LYS A 96 -14.78 -24.34 2.63
C LYS A 96 -14.31 -25.41 3.62
N ASN A 97 -13.45 -26.32 3.18
CA ASN A 97 -12.88 -27.35 4.08
C ASN A 97 -11.93 -26.71 5.10
N VAL A 98 -11.07 -25.82 4.63
CA VAL A 98 -10.08 -25.16 5.53
C VAL A 98 -10.82 -24.40 6.63
N ILE A 99 -11.89 -23.68 6.30
CA ILE A 99 -12.65 -22.88 7.30
C ILE A 99 -13.40 -23.81 8.26
N GLU A 100 -14.13 -24.79 7.75
CA GLU A 100 -14.95 -25.64 8.63
C GLU A 100 -14.05 -26.51 9.50
N THR A 101 -12.94 -27.02 8.97
CA THR A 101 -11.99 -27.84 9.74
C THR A 101 -11.33 -26.96 10.79
N CYS A 102 -11.14 -25.68 10.46
CA CYS A 102 -10.55 -24.67 11.38
C CYS A 102 -11.45 -24.54 12.59
N LYS A 103 -12.76 -24.39 12.37
CA LYS A 103 -13.76 -24.24 13.45
C LYS A 103 -13.80 -25.52 14.29
N GLU A 104 -13.85 -26.66 13.61
CA GLU A 104 -13.90 -27.98 14.30
C GLU A 104 -12.78 -28.07 15.33
N ALA A 105 -11.59 -27.57 15.01
CA ALA A 105 -10.36 -27.86 15.78
C ALA A 105 -10.12 -26.76 16.82
N GLY A 106 -10.87 -25.65 16.75
CA GLY A 106 -10.77 -24.53 17.69
C GLY A 106 -9.69 -23.52 17.32
N VAL A 107 -9.29 -23.51 16.06
CA VAL A 107 -8.37 -22.47 15.53
C VAL A 107 -9.02 -21.11 15.82
N GLN A 108 -8.21 -20.12 16.21
CA GLN A 108 -8.71 -18.78 16.64
C GLN A 108 -8.39 -17.73 15.57
N LYS A 109 -7.48 -18.00 14.63
CA LYS A 109 -7.17 -17.05 13.54
C LYS A 109 -6.76 -17.79 12.29
N LEU A 110 -7.26 -17.37 11.14
CA LEU A 110 -6.80 -17.94 9.84
C LEU A 110 -6.37 -16.79 8.92
N ILE A 111 -5.14 -16.89 8.44
CA ILE A 111 -4.52 -15.84 7.59
C ILE A 111 -4.33 -16.40 6.18
N LEU A 112 -5.18 -15.90 5.29
CA LEU A 112 -5.16 -16.28 3.87
C LEU A 112 -4.17 -15.39 3.13
N THR A 113 -3.43 -16.00 2.22
CA THR A 113 -2.60 -15.33 1.19
C THR A 113 -3.43 -15.29 -0.08
N SER A 114 -3.81 -14.07 -0.47
CA SER A 114 -4.75 -13.76 -1.57
C SER A 114 -3.92 -13.37 -2.81
N SER A 115 -4.44 -12.54 -3.72
CA SER A 115 -3.67 -11.89 -4.81
C SER A 115 -3.98 -10.41 -4.77
N ALA A 116 -3.13 -9.60 -5.36
CA ALA A 116 -3.31 -8.14 -5.46
C ALA A 116 -4.31 -7.87 -6.57
N SER A 117 -4.37 -8.74 -7.57
CA SER A 117 -5.31 -8.65 -8.72
C SER A 117 -6.73 -8.73 -8.16
N VAL A 118 -6.87 -9.25 -6.95
CA VAL A 118 -8.19 -9.31 -6.26
C VAL A 118 -8.81 -7.92 -6.23
N ILE A 119 -8.01 -6.86 -6.16
CA ILE A 119 -8.59 -5.49 -6.10
C ILE A 119 -9.36 -5.14 -7.38
N PHE A 120 -9.35 -5.96 -8.45
CA PHE A 120 -10.04 -5.67 -9.73
C PHE A 120 -11.50 -6.14 -9.75
N GLU A 121 -12.13 -6.50 -8.62
CA GLU A 121 -13.55 -6.97 -8.62
C GLU A 121 -14.49 -5.76 -8.87
N GLY A 122 -14.94 -5.57 -10.11
CA GLY A 122 -15.94 -4.57 -10.53
C GLY A 122 -15.52 -3.15 -10.18
N LYS A 137 -5.86 -8.31 -20.21
CA LYS A 137 -6.94 -8.06 -19.20
C LYS A 137 -6.74 -8.95 -17.97
N PRO A 138 -6.56 -8.37 -16.77
CA PRO A 138 -5.96 -9.08 -15.64
C PRO A 138 -6.88 -10.09 -14.92
N ILE A 139 -8.20 -9.92 -15.03
CA ILE A 139 -9.16 -10.91 -14.47
C ILE A 139 -9.18 -12.13 -15.39
N ASP A 140 -8.47 -13.18 -14.97
CA ASP A 140 -8.51 -14.55 -15.54
C ASP A 140 -9.18 -15.48 -14.52
N TYR A 141 -9.20 -16.77 -14.80
CA TYR A 141 -9.99 -17.76 -14.03
C TYR A 141 -9.34 -17.96 -12.65
N TYR A 142 -8.01 -17.98 -12.60
CA TYR A 142 -7.23 -18.08 -11.34
C TYR A 142 -7.63 -16.93 -10.42
N THR A 143 -7.52 -15.70 -10.91
CA THR A 143 -7.94 -14.53 -10.12
C THR A 143 -9.39 -14.74 -9.65
N GLU A 144 -10.26 -15.18 -10.56
CA GLU A 144 -11.69 -15.43 -10.28
C GLU A 144 -11.86 -16.38 -9.09
N THR A 145 -11.04 -17.43 -8.99
CA THR A 145 -11.12 -18.40 -7.86
C THR A 145 -10.61 -17.72 -6.57
N LYS A 146 -9.60 -16.86 -6.68
CA LYS A 146 -8.92 -16.24 -5.52
C LYS A 146 -9.84 -15.18 -4.91
N ILE A 147 -10.64 -14.53 -5.74
CA ILE A 147 -11.68 -13.60 -5.25
C ILE A 147 -12.70 -14.39 -4.44
N LEU A 148 -13.26 -15.44 -5.03
CA LEU A 148 -14.26 -16.28 -4.33
C LEU A 148 -13.66 -16.84 -3.04
N GLN A 149 -12.36 -17.16 -3.06
CA GLN A 149 -11.59 -17.62 -1.88
C GLN A 149 -11.64 -16.54 -0.80
N GLU A 150 -11.24 -15.32 -1.15
CA GLU A 150 -11.09 -14.20 -0.17
C GLU A 150 -12.46 -13.89 0.40
N ARG A 151 -13.48 -13.95 -0.44
CA ARG A 151 -14.88 -13.67 -0.08
C ARG A 151 -15.36 -14.74 0.92
N ALA A 152 -15.10 -16.01 0.66
CA ALA A 152 -15.41 -17.08 1.64
C ALA A 152 -14.69 -16.81 2.97
N VAL A 153 -13.38 -16.55 2.91
CA VAL A 153 -12.55 -16.50 4.14
C VAL A 153 -12.99 -15.30 4.98
N LEU A 154 -13.27 -14.17 4.35
CA LEU A 154 -13.55 -12.94 5.14
C LEU A 154 -15.03 -12.93 5.56
N GLY A 155 -15.89 -13.65 4.86
CA GLY A 155 -17.27 -13.89 5.33
C GLY A 155 -17.30 -14.72 6.60
N ALA A 156 -16.30 -15.58 6.82
CA ALA A 156 -16.27 -16.52 7.97
C ALA A 156 -15.99 -15.81 9.31
N ASN A 157 -15.50 -14.57 9.25
CA ASN A 157 -15.07 -13.81 10.45
C ASN A 157 -16.23 -13.81 11.45
N ASP A 158 -16.05 -14.42 12.63
CA ASP A 158 -17.05 -14.44 13.74
C ASP A 158 -16.36 -14.20 15.08
N PRO A 159 -16.13 -12.93 15.48
CA PRO A 159 -15.39 -12.62 16.70
C PRO A 159 -16.06 -13.13 17.98
N GLU A 160 -17.39 -13.18 18.05
CA GLU A 160 -18.08 -13.55 19.31
C GLU A 160 -17.89 -15.04 19.55
N LYS A 161 -17.67 -15.81 18.49
CA LYS A 161 -17.23 -17.24 18.56
C LYS A 161 -15.70 -17.30 18.61
N ASN A 162 -15.02 -16.14 18.64
CA ASN A 162 -13.54 -16.07 18.72
C ASN A 162 -12.91 -16.78 17.52
N PHE A 163 -13.43 -16.57 16.31
CA PHE A 163 -12.85 -17.05 15.04
C PHE A 163 -12.59 -15.82 14.14
N LEU A 164 -11.32 -15.50 13.97
CA LEU A 164 -10.93 -14.28 13.22
C LEU A 164 -10.16 -14.70 11.97
N THR A 165 -10.42 -14.01 10.86
CA THR A 165 -9.75 -14.26 9.56
C THR A 165 -9.24 -12.93 9.01
N THR A 166 -8.19 -12.93 8.21
CA THR A 166 -7.89 -11.82 7.27
C THR A 166 -7.30 -12.40 5.98
N ALA A 167 -7.04 -11.52 5.02
CA ALA A 167 -6.34 -11.85 3.77
C ALA A 167 -5.24 -10.82 3.56
N ILE A 168 -4.04 -11.28 3.24
CA ILE A 168 -2.91 -10.41 2.81
C ILE A 168 -2.78 -10.62 1.31
N ARG A 169 -2.62 -9.53 0.58
CA ARG A 169 -2.67 -9.51 -0.91
C ARG A 169 -1.35 -8.98 -1.44
N PRO A 170 -0.37 -9.85 -1.70
CA PRO A 170 0.87 -9.41 -2.36
C PRO A 170 0.80 -9.47 -3.89
N HIS A 171 1.67 -8.74 -4.63
CA HIS A 171 1.98 -9.03 -6.06
C HIS A 171 3.49 -8.91 -6.30
N GLN A 180 1.40 -8.05 -15.32
CA GLN A 180 1.12 -7.04 -16.37
C GLN A 180 0.60 -5.76 -15.69
N LEU A 181 -0.65 -5.76 -15.22
CA LEU A 181 -1.34 -4.58 -14.63
C LEU A 181 -1.32 -4.69 -13.11
N VAL A 182 -0.84 -3.64 -12.45
CA VAL A 182 -0.66 -3.60 -10.97
C VAL A 182 -1.24 -2.28 -10.49
N PRO A 183 -1.92 -2.28 -9.33
CA PRO A 183 -2.27 -1.03 -8.66
C PRO A 183 -1.01 -0.39 -8.09
N ILE A 184 -0.68 0.82 -8.52
CA ILE A 184 0.48 1.59 -8.00
C ILE A 184 0.01 2.33 -6.75
N LEU A 185 -1.17 2.94 -6.84
CA LEU A 185 -1.72 3.77 -5.75
C LEU A 185 -3.02 3.16 -5.26
N ILE A 186 -3.29 3.31 -3.95
CA ILE A 186 -4.52 2.85 -3.26
C ILE A 186 -5.08 3.99 -2.44
N GLU A 187 -6.40 4.21 -2.52
CA GLU A 187 -7.06 5.34 -1.82
C GLU A 187 -6.99 5.05 -0.33
N ALA A 188 -6.94 6.11 0.45
CA ALA A 188 -6.89 6.05 1.92
C ALA A 188 -8.07 6.86 2.46
N ALA A 189 -8.97 6.19 3.18
CA ALA A 189 -10.15 6.78 3.87
C ALA A 189 -9.66 7.76 4.93
N ARG A 190 -10.27 8.95 5.00
CA ARG A 190 -9.92 9.98 6.02
C ARG A 190 -10.97 9.96 7.14
N ASN A 191 -11.94 9.03 7.11
CA ASN A 191 -13.08 8.97 8.05
C ASN A 191 -12.73 8.12 9.29
N GLY A 192 -11.46 7.73 9.44
CA GLY A 192 -11.02 6.87 10.55
C GLY A 192 -11.41 5.41 10.36
N LYS A 193 -11.83 5.02 9.16
CA LYS A 193 -12.25 3.62 8.92
C LYS A 193 -11.04 2.78 8.50
N MET A 194 -9.95 3.41 8.07
CA MET A 194 -8.79 2.69 7.50
C MET A 194 -7.99 2.03 8.62
N LYS A 195 -7.85 0.71 8.54
CA LYS A 195 -6.97 -0.04 9.46
C LYS A 195 -5.66 -0.29 8.73
N PHE A 196 -4.59 -0.45 9.49
CA PHE A 196 -3.21 -0.67 8.97
C PHE A 196 -2.46 -1.47 10.02
N VAL A 197 -1.37 -2.11 9.62
CA VAL A 197 -0.53 -2.94 10.54
C VAL A 197 0.85 -2.31 10.60
N ILE A 198 1.25 -1.97 11.82
CA ILE A 198 2.53 -1.28 12.13
C ILE A 198 3.64 -2.31 12.24
N GLY A 199 4.81 -2.01 11.69
CA GLY A 199 6.04 -2.79 11.88
C GLY A 199 7.08 -1.94 12.58
N ASN A 200 8.23 -2.53 12.89
CA ASN A 200 9.36 -1.78 13.50
C ASN A 200 10.53 -1.82 12.52
N GLY A 201 10.77 -0.70 11.81
CA GLY A 201 11.81 -0.53 10.77
C GLY A 201 13.15 -1.18 11.03
N LYS A 202 13.66 -1.14 12.27
CA LYS A 202 14.96 -1.75 12.62
C LYS A 202 15.03 -3.23 12.23
N ASN A 203 13.90 -3.95 12.27
CA ASN A 203 13.94 -5.37 11.86
C ASN A 203 13.66 -5.54 10.36
N LEU A 204 13.35 -4.48 9.62
CA LEU A 204 12.92 -4.66 8.21
C LEU A 204 13.95 -4.33 7.14
N VAL A 205 15.06 -3.72 7.46
CA VAL A 205 15.90 -3.20 6.33
C VAL A 205 16.57 -4.27 5.45
N ASP A 206 17.16 -5.29 6.05
CA ASP A 206 17.99 -6.31 5.37
C ASP A 206 17.09 -7.42 4.80
N PHE A 207 15.76 -7.26 4.90
CA PHE A 207 14.75 -8.25 4.43
C PHE A 207 14.47 -8.01 2.94
N THR A 208 14.46 -9.11 2.17
CA THR A 208 14.20 -9.16 0.69
C THR A 208 12.70 -9.05 0.47
N PHE A 209 12.23 -9.22 -0.76
CA PHE A 209 10.81 -9.04 -1.17
C PHE A 209 9.90 -10.03 -0.43
N VAL A 210 10.26 -11.31 -0.44
CA VAL A 210 9.42 -12.40 0.13
C VAL A 210 9.43 -12.30 1.67
N GLU A 211 10.61 -12.09 2.28
CA GLU A 211 10.78 -11.96 3.75
C GLU A 211 9.89 -10.81 4.23
N ASN A 212 9.70 -9.82 3.38
CA ASN A 212 8.81 -8.65 3.61
C ASN A 212 7.38 -9.18 3.62
N VAL A 213 6.91 -9.76 2.51
CA VAL A 213 5.54 -10.31 2.38
C VAL A 213 5.26 -11.21 3.57
N VAL A 214 6.17 -12.14 3.85
CA VAL A 214 6.06 -13.08 5.00
C VAL A 214 5.93 -12.29 6.30
N HIS A 215 6.75 -11.27 6.47
CA HIS A 215 6.75 -10.53 7.76
C HIS A 215 5.37 -9.96 8.05
N GLY A 216 4.77 -9.33 7.05
CA GLY A 216 3.42 -8.74 7.12
C GLY A 216 2.36 -9.73 7.56
N HIS A 217 2.35 -10.92 6.95
CA HIS A 217 1.53 -12.06 7.43
C HIS A 217 1.69 -12.22 8.95
N ILE A 218 2.91 -12.39 9.45
CA ILE A 218 3.16 -12.72 10.88
C ILE A 218 2.71 -11.55 11.77
N LEU A 219 2.89 -10.30 11.33
CA LEU A 219 2.56 -9.10 12.16
C LEU A 219 1.04 -8.95 12.25
N ALA A 220 0.38 -9.02 11.10
CA ALA A 220 -1.08 -9.09 10.98
C ALA A 220 -1.63 -10.13 11.97
N ALA A 221 -1.11 -11.34 11.96
CA ALA A 221 -1.62 -12.42 12.82
C ALA A 221 -1.41 -12.04 14.28
N GLU A 222 -0.24 -11.48 14.61
CA GLU A 222 0.07 -11.17 16.03
C GLU A 222 -0.88 -10.07 16.50
N GLN A 223 -1.06 -9.05 15.66
CA GLN A 223 -1.89 -7.87 15.99
C GLN A 223 -3.39 -8.22 15.95
N LEU A 224 -3.77 -9.43 15.53
CA LEU A 224 -5.18 -9.86 15.39
C LEU A 224 -5.69 -10.33 16.76
N SER A 225 -4.84 -10.99 17.53
CA SER A 225 -5.14 -11.35 18.95
C SER A 225 -5.20 -10.08 19.79
N ARG A 226 -4.47 -9.02 19.43
CA ARG A 226 -4.43 -7.76 20.21
C ARG A 226 -5.58 -6.83 19.81
N ASP A 227 -6.18 -7.04 18.63
CA ASP A 227 -7.14 -6.09 18.00
C ASP A 227 -8.01 -6.83 16.99
N SER A 228 -9.15 -7.31 17.46
CA SER A 228 -10.13 -8.18 16.76
C SER A 228 -10.86 -7.44 15.63
N THR A 229 -10.70 -6.13 15.56
CA THR A 229 -11.40 -5.31 14.56
C THR A 229 -10.67 -5.36 13.21
N LEU A 230 -9.57 -6.11 13.12
CA LEU A 230 -8.83 -6.36 11.86
C LEU A 230 -9.41 -7.56 11.12
N GLY A 231 -10.04 -8.47 11.87
CA GLY A 231 -10.79 -9.59 11.27
C GLY A 231 -11.56 -9.14 10.03
N GLY A 232 -11.69 -10.01 9.04
CA GLY A 232 -12.57 -9.81 7.87
C GLY A 232 -12.14 -8.65 6.98
N LYS A 233 -11.03 -7.96 7.27
CA LYS A 233 -10.50 -6.98 6.29
C LYS A 233 -9.49 -7.73 5.41
N ALA A 234 -9.20 -7.13 4.26
CA ALA A 234 -8.09 -7.51 3.35
C ALA A 234 -7.03 -6.40 3.39
N PHE A 235 -5.75 -6.76 3.40
CA PHE A 235 -4.64 -5.78 3.41
C PHE A 235 -3.79 -5.96 2.14
N HIS A 236 -3.17 -4.85 1.73
CA HIS A 236 -2.12 -4.76 0.69
C HIS A 236 -0.81 -4.38 1.38
N ILE A 237 0.33 -4.67 0.78
CA ILE A 237 1.68 -4.32 1.34
C ILE A 237 2.16 -3.01 0.68
N LEU A 238 3.29 -2.46 1.15
CA LEU A 238 3.84 -1.15 0.68
C LEU A 238 5.29 -1.28 0.24
N GLU A 239 5.82 -0.24 -0.43
CA GLU A 239 7.26 -0.01 -0.79
C GLU A 239 7.71 -1.01 -1.87
N GLN B 6 -0.36 25.34 -22.62
CA GLN B 6 -0.80 25.17 -21.19
C GLN B 6 -0.87 23.67 -20.87
N ALA B 7 -1.51 22.87 -21.73
CA ALA B 7 -1.85 21.44 -21.50
C ALA B 7 -0.69 20.64 -20.89
N LYS B 8 0.57 20.88 -21.30
CA LYS B 8 1.71 20.01 -20.88
C LYS B 8 2.79 20.85 -20.21
N ARG B 9 2.43 21.97 -19.63
CA ARG B 9 3.34 22.74 -18.76
C ARG B 9 2.98 22.44 -17.31
N CYS B 10 3.99 22.44 -16.43
CA CYS B 10 3.84 22.03 -15.02
C CYS B 10 5.02 22.54 -14.20
N THR B 11 4.78 22.78 -12.92
CA THR B 11 5.75 23.35 -11.97
C THR B 11 5.97 22.39 -10.80
N VAL B 12 7.23 22.04 -10.55
CA VAL B 12 7.61 21.33 -9.31
C VAL B 12 8.13 22.35 -8.29
N ILE B 13 7.40 22.51 -7.19
CA ILE B 13 7.77 23.34 -6.02
C ILE B 13 8.59 22.47 -5.05
N GLY B 14 9.82 22.88 -4.77
CA GLY B 14 10.83 22.00 -4.16
C GLY B 14 11.45 21.11 -5.22
N GLY B 15 11.58 21.64 -6.43
CA GLY B 15 12.08 20.92 -7.62
C GLY B 15 13.58 20.67 -7.52
N SER B 16 14.29 21.42 -6.69
CA SER B 16 15.74 21.21 -6.39
C SER B 16 15.91 20.07 -5.37
N GLY B 17 14.86 19.70 -4.65
CA GLY B 17 14.90 18.67 -3.60
C GLY B 17 15.34 17.31 -4.13
N PHE B 18 15.56 16.35 -3.22
CA PHE B 18 16.04 15.01 -3.57
C PHE B 18 14.98 14.36 -4.45
N LEU B 19 13.75 14.40 -3.95
CA LEU B 19 12.55 13.92 -4.69
C LEU B 19 12.33 14.80 -5.92
N GLY B 20 12.40 16.12 -5.75
CA GLY B 20 12.25 17.07 -6.87
C GLY B 20 13.05 16.63 -8.08
N GLN B 21 14.36 16.59 -7.93
CA GLN B 21 15.28 16.18 -9.00
C GLN B 21 14.74 14.98 -9.77
N HIS B 22 14.15 14.01 -9.08
CA HIS B 22 13.65 12.76 -9.71
C HIS B 22 12.35 13.02 -10.44
N MET B 23 11.47 13.80 -9.83
CA MET B 23 10.20 14.23 -10.46
C MET B 23 10.52 14.89 -11.80
N VAL B 24 11.46 15.82 -11.79
CA VAL B 24 11.80 16.64 -12.97
C VAL B 24 12.36 15.73 -14.06
N GLU B 25 13.32 14.86 -13.74
CA GLU B 25 13.90 13.92 -14.72
C GLU B 25 12.78 13.24 -15.51
N GLN B 26 11.70 12.83 -14.83
CA GLN B 26 10.67 11.89 -15.36
C GLN B 26 9.61 12.68 -16.15
N LEU B 27 9.15 13.82 -15.64
CA LEU B 27 8.23 14.69 -16.39
C LEU B 27 8.88 15.00 -17.75
N LEU B 28 10.11 15.50 -17.72
CA LEU B 28 10.89 15.78 -18.94
C LEU B 28 10.83 14.57 -19.87
N ALA B 29 11.13 13.38 -19.36
CA ALA B 29 11.12 12.14 -20.18
C ALA B 29 9.75 11.97 -20.83
N ARG B 30 8.65 12.43 -20.23
CA ARG B 30 7.31 12.32 -20.86
C ARG B 30 6.98 13.57 -21.68
N GLY B 31 7.95 14.46 -21.86
CA GLY B 31 7.82 15.61 -22.77
C GLY B 31 7.00 16.72 -22.15
N TYR B 32 7.04 16.84 -20.83
CA TYR B 32 6.50 18.03 -20.12
C TYR B 32 7.51 19.16 -20.29
N ALA B 33 7.03 20.39 -20.47
CA ALA B 33 7.81 21.62 -20.24
C ALA B 33 7.74 21.92 -18.75
N VAL B 34 8.88 21.94 -18.06
CA VAL B 34 8.91 21.88 -16.58
C VAL B 34 9.50 23.17 -16.05
N ASN B 35 8.83 23.75 -15.07
CA ASN B 35 9.35 24.86 -14.25
C ASN B 35 9.75 24.28 -12.89
N VAL B 36 10.89 24.71 -12.35
CA VAL B 36 11.24 24.42 -10.93
C VAL B 36 11.18 25.73 -10.16
N PHE B 37 10.61 25.68 -8.97
CA PHE B 37 10.52 26.81 -8.01
C PHE B 37 11.02 26.30 -6.66
N ASP B 38 11.99 27.00 -6.12
CA ASP B 38 12.70 26.55 -4.90
C ASP B 38 13.45 27.75 -4.32
N ILE B 39 13.86 27.64 -3.07
CA ILE B 39 14.64 28.70 -2.37
C ILE B 39 16.13 28.52 -2.67
N GLN B 40 16.57 27.35 -3.17
CA GLN B 40 17.98 27.06 -3.57
C GLN B 40 18.03 26.52 -5.00
N GLN B 41 19.11 26.74 -5.74
CA GLN B 41 19.14 26.56 -7.21
C GLN B 41 19.46 25.11 -7.58
N GLY B 42 20.14 24.36 -6.71
CA GLY B 42 20.44 22.94 -6.95
C GLY B 42 21.19 22.74 -8.26
N PHE B 43 20.96 21.63 -8.96
CA PHE B 43 21.68 21.25 -10.20
C PHE B 43 21.03 21.91 -11.42
N ASP B 44 21.80 22.67 -12.21
CA ASP B 44 21.32 23.35 -13.43
C ASP B 44 20.77 22.28 -14.38
N ASN B 45 19.58 22.48 -14.92
CA ASN B 45 19.09 21.60 -16.00
C ASN B 45 18.79 22.42 -17.23
N PRO B 46 19.53 22.20 -18.33
CA PRO B 46 19.35 22.96 -19.55
C PRO B 46 17.90 23.07 -20.03
N GLN B 47 17.08 22.07 -19.75
CA GLN B 47 15.69 21.97 -20.23
C GLN B 47 14.67 22.47 -19.19
N VAL B 48 15.14 23.09 -18.10
CA VAL B 48 14.27 23.46 -16.95
C VAL B 48 14.39 24.96 -16.67
N ARG B 49 13.26 25.68 -16.68
CA ARG B 49 13.15 27.06 -16.14
C ARG B 49 13.16 26.99 -14.62
N PHE B 50 14.13 27.67 -14.00
CA PHE B 50 14.28 27.83 -12.53
C PHE B 50 13.84 29.24 -12.09
N PHE B 51 12.95 29.31 -11.12
CA PHE B 51 12.54 30.54 -10.40
C PHE B 51 12.94 30.39 -8.93
N LEU B 52 13.82 31.25 -8.46
CA LEU B 52 14.22 31.25 -7.03
C LEU B 52 13.07 31.87 -6.22
N GLY B 53 12.90 31.47 -4.97
CA GLY B 53 11.88 32.08 -4.08
C GLY B 53 11.45 31.17 -2.94
N ASP B 54 10.82 31.78 -1.92
CA ASP B 54 10.06 31.11 -0.83
C ASP B 54 8.63 30.88 -1.30
N LEU B 55 8.12 29.68 -1.07
CA LEU B 55 6.80 29.27 -1.59
C LEU B 55 5.70 30.03 -0.84
N CYS B 56 6.03 30.63 0.31
CA CYS B 56 5.08 31.43 1.16
C CYS B 56 4.80 32.78 0.51
N SER B 57 5.79 33.32 -0.21
CA SER B 57 5.74 34.66 -0.84
C SER B 57 4.82 34.65 -2.07
N ARG B 58 3.69 35.31 -1.96
CA ARG B 58 2.68 35.45 -3.04
C ARG B 58 3.37 35.89 -4.32
N GLN B 59 4.24 36.88 -4.20
CA GLN B 59 4.79 37.61 -5.37
C GLN B 59 5.86 36.73 -6.04
N ASP B 60 6.72 36.07 -5.25
CA ASP B 60 7.83 35.22 -5.77
C ASP B 60 7.24 34.17 -6.70
N LEU B 61 6.13 33.56 -6.28
CA LEU B 61 5.63 32.29 -6.85
C LEU B 61 4.84 32.56 -8.13
N TYR B 62 3.89 33.49 -8.08
CA TYR B 62 2.93 33.74 -9.18
C TYR B 62 3.61 33.50 -10.55
N PRO B 63 4.69 34.23 -10.94
CA PRO B 63 5.36 34.00 -12.21
C PRO B 63 5.81 32.56 -12.52
N ALA B 64 6.05 31.75 -11.48
CA ALA B 64 6.47 30.34 -11.62
C ALA B 64 5.26 29.48 -11.97
N LEU B 65 4.04 29.96 -11.67
CA LEU B 65 2.79 29.23 -11.99
C LEU B 65 2.09 29.89 -13.17
N LYS B 66 2.27 31.19 -13.35
CA LYS B 66 1.79 31.94 -14.53
C LYS B 66 1.92 31.02 -15.75
N GLY B 67 0.79 30.63 -16.33
CA GLY B 67 0.74 29.94 -17.63
C GLY B 67 1.03 28.45 -17.60
N VAL B 68 1.24 27.84 -16.42
CA VAL B 68 1.37 26.36 -16.27
C VAL B 68 0.02 25.81 -15.82
N ASN B 69 -0.17 24.49 -15.98
CA ASN B 69 -1.47 23.78 -15.83
C ASN B 69 -1.45 22.73 -14.71
N THR B 70 -0.29 22.22 -14.33
CA THR B 70 -0.15 21.26 -13.20
C THR B 70 0.93 21.78 -12.27
N VAL B 71 0.81 21.44 -10.98
CA VAL B 71 1.75 21.86 -9.90
C VAL B 71 2.00 20.64 -9.03
N PHE B 72 3.25 20.27 -8.89
CA PHE B 72 3.66 19.22 -7.93
C PHE B 72 4.30 19.95 -6.77
N HIS B 73 3.71 19.86 -5.60
CA HIS B 73 4.29 20.45 -4.36
C HIS B 73 5.05 19.34 -3.63
N CYS B 74 6.36 19.35 -3.68
CA CYS B 74 7.15 18.44 -2.81
C CYS B 74 8.28 19.24 -2.19
N ALA B 75 7.90 20.33 -1.56
CA ALA B 75 8.79 21.22 -0.80
C ALA B 75 8.45 21.05 0.67
N SER B 76 9.47 21.05 1.52
CA SER B 76 9.37 20.79 2.97
C SER B 76 10.64 21.31 3.64
N PRO B 77 10.57 21.90 4.85
CA PRO B 77 11.78 22.24 5.58
C PRO B 77 12.39 20.95 6.10
N PRO B 78 13.67 20.92 6.50
CA PRO B 78 14.25 19.66 6.93
C PRO B 78 13.51 19.10 8.15
N PRO B 79 13.11 17.81 8.16
CA PRO B 79 12.38 17.22 9.26
C PRO B 79 13.22 17.10 10.53
N SER B 80 14.52 16.95 10.35
CA SER B 80 15.51 16.83 11.46
C SER B 80 15.66 18.15 12.23
N SER B 81 15.35 19.28 11.62
CA SER B 81 15.68 20.58 12.25
C SER B 81 15.09 20.75 13.66
N ASN B 82 13.87 20.27 13.88
CA ASN B 82 13.21 20.53 15.19
C ASN B 82 12.99 22.03 15.36
N ASN B 83 12.22 22.64 14.44
CA ASN B 83 11.87 24.09 14.51
C ASN B 83 10.35 24.21 14.45
N LYS B 84 9.68 23.80 15.52
CA LYS B 84 8.20 23.83 15.59
C LYS B 84 7.66 24.96 14.67
N GLU B 85 8.18 26.18 14.77
CA GLU B 85 7.54 27.35 14.11
C GLU B 85 7.75 27.25 12.59
N LEU B 86 8.93 26.82 12.17
CA LEU B 86 9.31 26.76 10.73
C LEU B 86 8.40 25.78 10.00
N PHE B 87 8.25 24.59 10.58
CA PHE B 87 7.35 23.52 10.11
C PHE B 87 5.96 24.11 9.90
N TYR B 88 5.40 24.77 10.91
CA TYR B 88 4.01 25.30 10.84
C TYR B 88 3.97 26.37 9.75
N ARG B 89 5.00 27.22 9.72
CA ARG B 89 5.08 28.39 8.81
C ARG B 89 4.91 27.88 7.38
N VAL B 90 5.63 26.81 7.02
CA VAL B 90 5.87 26.39 5.62
C VAL B 90 4.75 25.42 5.18
N ASN B 91 4.53 24.38 6.00
CA ASN B 91 3.62 23.28 5.65
C ASN B 91 2.17 23.77 5.71
N TYR B 92 1.80 24.64 6.65
CA TYR B 92 0.38 25.10 6.73
C TYR B 92 0.21 26.46 6.06
N ILE B 93 0.74 27.50 6.69
CA ILE B 93 0.51 28.90 6.21
C ILE B 93 1.02 28.99 4.78
N GLY B 94 2.23 28.48 4.55
CA GLY B 94 2.87 28.51 3.23
C GLY B 94 2.03 27.82 2.18
N THR B 95 1.62 26.58 2.45
CA THR B 95 0.83 25.78 1.51
C THR B 95 -0.46 26.54 1.18
N LYS B 96 -1.09 27.18 2.16
CA LYS B 96 -2.34 27.95 1.95
C LYS B 96 -2.10 29.00 0.85
N ASN B 97 -0.91 29.59 0.80
CA ASN B 97 -0.54 30.56 -0.26
C ASN B 97 -0.51 29.83 -1.61
N VAL B 98 0.20 28.70 -1.65
CA VAL B 98 0.43 27.92 -2.89
C VAL B 98 -0.92 27.69 -3.55
N ILE B 99 -1.94 27.39 -2.73
CA ILE B 99 -3.33 27.13 -3.21
C ILE B 99 -3.94 28.43 -3.74
N GLU B 100 -3.71 29.55 -3.05
CA GLU B 100 -4.21 30.88 -3.48
C GLU B 100 -3.71 31.14 -4.90
N THR B 101 -2.38 31.26 -5.03
CA THR B 101 -1.76 31.78 -6.27
C THR B 101 -1.98 30.76 -7.38
N CYS B 102 -2.15 29.48 -7.04
CA CYS B 102 -2.51 28.43 -8.03
C CYS B 102 -3.81 28.82 -8.74
N LYS B 103 -4.80 29.23 -7.96
CA LYS B 103 -6.12 29.64 -8.50
C LYS B 103 -5.94 30.99 -9.24
N GLU B 104 -5.12 31.90 -8.70
CA GLU B 104 -4.89 33.24 -9.31
C GLU B 104 -4.15 33.09 -10.66
N ALA B 105 -3.68 31.88 -10.98
CA ALA B 105 -2.80 31.58 -12.14
C ALA B 105 -3.49 30.62 -13.13
N GLY B 106 -4.77 30.31 -12.93
CA GLY B 106 -5.56 29.41 -13.78
C GLY B 106 -5.01 28.00 -13.83
N VAL B 107 -4.27 27.59 -12.79
CA VAL B 107 -3.67 26.22 -12.68
C VAL B 107 -4.81 25.23 -12.43
N GLN B 108 -4.80 24.05 -13.06
CA GLN B 108 -5.95 23.12 -13.02
C GLN B 108 -5.74 21.98 -12.02
N LYS B 109 -4.50 21.66 -11.66
CA LYS B 109 -4.20 20.45 -10.86
C LYS B 109 -3.10 20.75 -9.85
N LEU B 110 -3.34 20.48 -8.57
CA LEU B 110 -2.28 20.49 -7.54
C LEU B 110 -2.09 19.06 -6.99
N ILE B 111 -0.87 18.53 -7.05
CA ILE B 111 -0.54 17.18 -6.51
C ILE B 111 0.51 17.31 -5.41
N LEU B 112 0.04 17.38 -4.18
CA LEU B 112 0.87 17.38 -2.96
C LEU B 112 1.51 16.02 -2.71
N THR B 113 2.69 16.05 -2.11
CA THR B 113 3.39 14.85 -1.65
C THR B 113 3.24 14.88 -0.14
N SER B 114 2.48 13.96 0.41
CA SER B 114 2.23 13.98 1.87
C SER B 114 3.20 13.07 2.59
N SER B 115 2.81 12.62 3.77
CA SER B 115 3.67 11.68 4.54
C SER B 115 2.83 10.47 4.88
N ALA B 116 3.39 9.29 4.79
CA ALA B 116 2.63 8.07 5.14
C ALA B 116 2.34 8.09 6.65
N SER B 117 3.13 8.85 7.38
CA SER B 117 3.07 8.96 8.86
C SER B 117 1.81 9.69 9.29
N VAL B 118 1.10 10.30 8.34
CA VAL B 118 -0.17 11.04 8.62
C VAL B 118 -1.22 10.07 9.16
N ILE B 119 -1.20 8.81 8.73
CA ILE B 119 -2.10 7.69 9.11
C ILE B 119 -2.06 7.43 10.63
N PHE B 120 -0.97 7.73 11.32
CA PHE B 120 -0.73 7.52 12.78
C PHE B 120 -1.50 8.51 13.66
N GLU B 121 -2.28 9.40 13.07
CA GLU B 121 -3.00 10.43 13.86
C GLU B 121 -3.95 9.76 14.86
N GLY B 122 -3.86 10.16 16.12
CA GLY B 122 -4.67 9.64 17.24
C GLY B 122 -4.52 8.15 17.50
N VAL B 123 -3.33 7.60 17.37
CA VAL B 123 -3.17 6.15 17.65
C VAL B 123 -2.37 6.00 18.95
N ILE B 139 5.27 10.43 16.48
CA ILE B 139 4.17 11.23 15.85
C ILE B 139 4.51 12.73 16.03
N ASP B 140 5.52 13.19 15.27
CA ASP B 140 6.24 14.48 15.44
C ASP B 140 5.29 15.65 15.33
N TYR B 141 5.73 16.82 15.78
CA TYR B 141 5.06 18.08 15.42
C TYR B 141 5.05 18.17 13.89
N TYR B 142 6.21 17.93 13.27
CA TYR B 142 6.37 17.95 11.79
C TYR B 142 5.16 17.28 11.18
N THR B 143 4.92 16.06 11.58
CA THR B 143 3.87 15.18 11.00
C THR B 143 2.51 15.83 11.23
N GLU B 144 2.31 16.53 12.34
CA GLU B 144 1.02 17.20 12.61
C GLU B 144 0.81 18.28 11.56
N THR B 145 1.88 18.93 11.08
CA THR B 145 1.78 20.04 10.10
C THR B 145 1.50 19.44 8.71
N LYS B 146 2.10 18.29 8.42
CA LYS B 146 1.81 17.54 7.18
C LYS B 146 0.31 17.25 7.15
N ILE B 147 -0.23 16.86 8.31
CA ILE B 147 -1.68 16.53 8.47
C ILE B 147 -2.49 17.76 8.06
N LEU B 148 -2.07 18.93 8.52
CA LEU B 148 -2.77 20.21 8.24
C LEU B 148 -2.53 20.58 6.76
N GLN B 149 -1.33 20.31 6.25
CA GLN B 149 -0.99 20.51 4.83
C GLN B 149 -2.00 19.74 4.02
N GLU B 150 -2.15 18.45 4.34
CA GLU B 150 -2.93 17.52 3.50
C GLU B 150 -4.36 18.03 3.45
N ARG B 151 -4.97 18.30 4.59
CA ARG B 151 -6.43 18.58 4.64
C ARG B 151 -6.71 19.99 4.09
N ALA B 152 -5.79 20.93 4.25
CA ALA B 152 -5.80 22.17 3.44
C ALA B 152 -5.95 21.80 1.96
N VAL B 153 -5.02 21.04 1.38
CA VAL B 153 -5.00 20.82 -0.09
C VAL B 153 -6.24 20.04 -0.54
N LEU B 154 -6.60 18.97 0.17
CA LEU B 154 -7.77 18.17 -0.21
C LEU B 154 -9.01 19.03 0.03
N GLY B 155 -8.93 19.92 1.04
CA GLY B 155 -9.97 20.94 1.31
C GLY B 155 -10.20 21.81 0.10
N ALA B 156 -9.14 22.16 -0.60
CA ALA B 156 -9.15 23.05 -1.78
C ALA B 156 -9.71 22.34 -3.01
N ASN B 157 -9.98 21.06 -2.96
CA ASN B 157 -10.47 20.48 -4.23
C ASN B 157 -11.80 21.16 -4.55
N ASP B 158 -12.03 21.47 -5.83
CA ASP B 158 -13.30 22.09 -6.29
C ASP B 158 -13.47 21.77 -7.76
N PRO B 159 -14.12 20.67 -8.15
CA PRO B 159 -14.23 20.29 -9.55
C PRO B 159 -15.01 21.25 -10.45
N GLU B 160 -15.99 21.94 -9.88
CA GLU B 160 -16.88 22.86 -10.62
C GLU B 160 -16.12 24.15 -10.93
N LYS B 161 -14.98 24.38 -10.28
CA LYS B 161 -14.12 25.58 -10.49
C LYS B 161 -12.86 25.19 -11.27
N ASN B 162 -12.84 24.02 -11.92
CA ASN B 162 -11.67 23.46 -12.65
C ASN B 162 -10.40 23.54 -11.81
N PHE B 163 -10.40 23.00 -10.59
CA PHE B 163 -9.24 22.99 -9.70
C PHE B 163 -9.22 21.71 -8.86
N LEU B 164 -8.76 20.64 -9.50
CA LEU B 164 -8.61 19.28 -8.92
C LEU B 164 -7.34 19.25 -8.05
N THR B 165 -7.43 18.69 -6.86
CA THR B 165 -6.27 18.50 -5.95
C THR B 165 -6.22 17.03 -5.51
N THR B 166 -5.01 16.51 -5.27
CA THR B 166 -4.77 15.13 -4.76
C THR B 166 -3.51 15.14 -3.89
N ALA B 167 -3.38 14.19 -2.98
CA ALA B 167 -2.16 14.04 -2.16
C ALA B 167 -1.70 12.59 -2.28
N ILE B 168 -0.39 12.39 -2.41
CA ILE B 168 0.32 11.08 -2.42
C ILE B 168 1.16 11.02 -1.15
N ARG B 169 1.09 9.91 -0.42
CA ARG B 169 1.75 9.75 0.90
C ARG B 169 2.87 8.74 0.76
N PRO B 170 4.06 9.15 0.26
CA PRO B 170 5.23 8.28 0.32
C PRO B 170 5.59 7.94 1.76
N HIS B 171 6.21 6.77 1.95
CA HIS B 171 6.83 6.31 3.21
C HIS B 171 8.19 6.99 3.41
N GLN B 180 10.76 5.59 13.51
CA GLN B 180 11.29 4.20 13.35
C GLN B 180 10.14 3.17 13.29
N LEU B 181 8.98 3.51 13.86
CA LEU B 181 7.73 2.71 13.87
C LEU B 181 6.99 2.91 12.54
N VAL B 182 7.08 1.95 11.63
CA VAL B 182 6.69 2.09 10.19
C VAL B 182 5.42 1.28 9.95
N PRO B 183 4.48 1.76 9.11
CA PRO B 183 3.31 0.97 8.71
C PRO B 183 3.57 -0.01 7.55
N ILE B 184 3.13 -1.25 7.67
CA ILE B 184 3.47 -2.32 6.71
C ILE B 184 2.28 -2.56 5.78
N LEU B 185 1.09 -2.76 6.36
CA LEU B 185 -0.14 -3.21 5.67
C LEU B 185 -1.22 -2.15 5.78
N ILE B 186 -2.15 -2.14 4.84
CA ILE B 186 -3.22 -1.12 4.76
C ILE B 186 -4.48 -1.79 4.25
N GLU B 187 -5.62 -1.57 4.92
CA GLU B 187 -6.90 -2.18 4.54
C GLU B 187 -7.30 -1.67 3.15
N ALA B 188 -7.77 -2.56 2.28
CA ALA B 188 -8.44 -2.23 1.00
C ALA B 188 -9.93 -2.56 1.13
N ALA B 189 -10.83 -1.56 1.04
CA ALA B 189 -12.29 -1.72 1.23
C ALA B 189 -12.88 -2.48 0.04
N ARG B 190 -13.84 -3.36 0.29
CA ARG B 190 -14.40 -4.27 -0.74
C ARG B 190 -15.65 -3.72 -1.43
N ASN B 191 -16.30 -2.70 -0.89
CA ASN B 191 -17.59 -2.20 -1.42
C ASN B 191 -17.44 -1.18 -2.56
N GLY B 192 -16.25 -1.03 -3.14
CA GLY B 192 -16.02 -0.11 -4.27
C GLY B 192 -15.97 1.34 -3.84
N LYS B 193 -15.83 1.58 -2.55
CA LYS B 193 -15.76 2.97 -2.06
C LYS B 193 -14.39 3.51 -2.46
N MET B 194 -13.34 2.73 -2.22
CA MET B 194 -11.97 3.22 -2.51
C MET B 194 -11.65 3.12 -4.01
N LYS B 195 -10.72 3.97 -4.44
CA LYS B 195 -10.23 4.10 -5.83
C LYS B 195 -8.73 3.80 -5.85
N PHE B 196 -8.26 3.21 -6.93
CA PHE B 196 -6.84 2.88 -7.09
C PHE B 196 -6.38 3.37 -8.46
N VAL B 197 -5.09 3.30 -8.69
CA VAL B 197 -4.49 3.76 -9.96
C VAL B 197 -3.67 2.60 -10.47
N ILE B 198 -3.93 2.23 -11.72
CA ILE B 198 -3.27 1.09 -12.41
C ILE B 198 -1.94 1.57 -12.95
N GLY B 199 -0.93 0.73 -12.87
CA GLY B 199 0.36 1.00 -13.51
C GLY B 199 0.75 -0.22 -14.31
N ASN B 200 1.39 -0.06 -15.46
CA ASN B 200 1.83 -1.27 -16.20
C ASN B 200 3.23 -1.61 -15.68
N GLY B 201 3.29 -2.41 -14.61
CA GLY B 201 4.54 -2.74 -13.90
C GLY B 201 5.53 -3.41 -14.81
N LYS B 202 5.03 -4.01 -15.88
CA LYS B 202 5.94 -4.66 -16.86
C LYS B 202 7.13 -3.74 -17.09
N ASN B 203 6.89 -2.42 -17.11
CA ASN B 203 7.87 -1.39 -17.56
C ASN B 203 8.46 -0.58 -16.39
N LEU B 204 7.94 -0.71 -15.16
CA LEU B 204 8.51 0.01 -13.98
C LEU B 204 9.13 -1.01 -13.00
N VAL B 205 9.56 -2.16 -13.51
CA VAL B 205 10.23 -3.24 -12.72
C VAL B 205 11.73 -2.89 -12.57
N ASP B 206 12.24 -1.98 -13.40
CA ASP B 206 13.67 -1.55 -13.40
C ASP B 206 13.76 -0.11 -12.87
N PHE B 207 12.86 0.27 -11.96
CA PHE B 207 12.88 1.54 -11.20
C PHE B 207 13.42 1.31 -9.78
N THR B 208 14.02 2.35 -9.21
CA THR B 208 14.37 2.46 -7.77
C THR B 208 13.12 2.89 -6.99
N PHE B 209 13.20 2.86 -5.66
CA PHE B 209 12.07 3.20 -4.76
C PHE B 209 11.58 4.60 -5.13
N VAL B 210 12.51 5.53 -5.32
CA VAL B 210 12.13 6.93 -5.58
C VAL B 210 11.48 6.97 -6.96
N GLU B 211 12.11 6.36 -7.96
CA GLU B 211 11.59 6.44 -9.34
C GLU B 211 10.12 6.00 -9.34
N ASN B 212 9.77 5.03 -8.47
CA ASN B 212 8.39 4.48 -8.36
C ASN B 212 7.48 5.50 -7.68
N VAL B 213 7.92 6.08 -6.58
CA VAL B 213 7.17 7.14 -5.84
C VAL B 213 6.77 8.27 -6.80
N VAL B 214 7.71 8.67 -7.62
CA VAL B 214 7.57 9.73 -8.64
C VAL B 214 6.52 9.26 -9.65
N HIS B 215 6.78 8.08 -10.21
CA HIS B 215 5.91 7.50 -11.25
C HIS B 215 4.46 7.51 -10.75
N GLY B 216 4.28 7.27 -9.45
CA GLY B 216 3.00 7.45 -8.74
C GLY B 216 2.45 8.87 -8.91
N HIS B 217 3.26 9.87 -8.60
CA HIS B 217 2.88 11.29 -8.74
C HIS B 217 2.42 11.55 -10.16
N ILE B 218 3.18 11.11 -11.15
CA ILE B 218 2.82 11.41 -12.56
C ILE B 218 1.51 10.69 -12.89
N LEU B 219 1.44 9.38 -12.70
CA LEU B 219 0.22 8.60 -13.04
C LEU B 219 -1.01 9.29 -12.46
N ALA B 220 -0.96 9.65 -11.18
CA ALA B 220 -2.06 10.31 -10.45
C ALA B 220 -2.48 11.55 -11.22
N ALA B 221 -1.56 12.48 -11.46
CA ALA B 221 -1.79 13.71 -12.25
C ALA B 221 -2.41 13.36 -13.61
N GLU B 222 -1.85 12.37 -14.28
CA GLU B 222 -2.24 12.07 -15.68
C GLU B 222 -3.70 11.62 -15.65
N GLN B 223 -4.06 10.71 -14.74
CA GLN B 223 -5.41 10.07 -14.66
C GLN B 223 -6.37 11.00 -13.92
N LEU B 224 -5.86 12.01 -13.20
CA LEU B 224 -6.71 13.03 -12.54
C LEU B 224 -7.36 13.91 -13.62
N SER B 225 -6.80 13.97 -14.83
CA SER B 225 -7.37 14.70 -15.99
C SER B 225 -8.04 13.72 -16.97
N ARG B 226 -8.54 12.59 -16.48
CA ARG B 226 -9.45 11.65 -17.20
C ARG B 226 -10.68 11.31 -16.35
N ASP B 227 -10.55 11.45 -15.02
CA ASP B 227 -11.54 11.09 -13.97
C ASP B 227 -11.30 12.01 -12.76
N SER B 228 -12.13 13.03 -12.61
CA SER B 228 -12.02 14.10 -11.59
C SER B 228 -12.25 13.55 -10.17
N THR B 229 -12.84 12.37 -10.02
CA THR B 229 -13.24 11.84 -8.68
C THR B 229 -12.04 11.35 -7.87
N LEU B 230 -10.83 11.39 -8.44
CA LEU B 230 -9.56 11.27 -7.68
C LEU B 230 -9.28 12.57 -6.91
N GLY B 231 -9.93 13.67 -7.27
CA GLY B 231 -9.85 14.94 -6.54
C GLY B 231 -10.38 14.79 -5.11
N GLY B 232 -9.65 15.33 -4.13
CA GLY B 232 -10.06 15.34 -2.72
C GLY B 232 -9.60 14.10 -1.95
N LYS B 233 -9.03 13.10 -2.64
CA LYS B 233 -8.55 11.84 -2.02
C LYS B 233 -7.03 11.86 -1.80
N ALA B 234 -6.57 11.20 -0.76
CA ALA B 234 -5.15 10.90 -0.49
C ALA B 234 -4.91 9.43 -0.83
N PHE B 235 -3.70 9.09 -1.27
CA PHE B 235 -3.32 7.79 -1.85
C PHE B 235 -2.03 7.30 -1.23
N HIS B 236 -1.90 5.98 -1.20
CA HIS B 236 -0.72 5.27 -0.69
C HIS B 236 -0.06 4.56 -1.86
N ILE B 237 1.24 4.32 -1.74
CA ILE B 237 2.04 3.66 -2.82
C ILE B 237 2.25 2.18 -2.46
N LEU B 238 1.97 1.31 -3.42
CA LEU B 238 1.97 -0.15 -3.21
C LEU B 238 3.26 -0.78 -3.75
N GLU B 239 3.38 -2.10 -3.55
CA GLU B 239 4.48 -2.97 -4.00
C GLU B 239 4.66 -2.90 -5.52
#